data_5EFA
#
_entry.id   5EFA
#
_cell.length_a   40.343
_cell.length_b   46.709
_cell.length_c   87.794
_cell.angle_alpha   90.000
_cell.angle_beta   90.000
_cell.angle_gamma   90.000
#
_symmetry.space_group_name_H-M   'P 21 21 21'
#
loop_
_entity.id
_entity.type
_entity.pdbx_description
1 polymer 'Polymerase basic protein 2'
2 non-polymer "7N-METHYL-8-HYDROGUANOSINE-5'-TRIPHOSPHATE"
3 water water
#
_entity_poly.entity_id   1
_entity_poly.type   'polypeptide(L)'
_entity_poly.pdbx_seq_one_letter_code
;MKIRQRQRFGRLELKRISGRGFKNDEEILIGNGTIQKIGIWDGEEEFHVRCGECRGILKKSQMRMEKLLINSAKKEDMKD
LIILCMVFSQDTRMFQGVRGEINFLNRAGQLLSPMYQLQRYFLNRSNDLFDQWGYEESPKASELHGINELMNASDYTLKG
VVVTKNVDHHHHHH
;
_entity_poly.pdbx_strand_id   A
#
loop_
_chem_comp.id
_chem_comp.type
_chem_comp.name
_chem_comp.formula
MGT non-polymer 7N-METHYL-8-HYDROGUANOSINE-5'-TRIPHOSPHATE 'C11 H20 N5 O14 P3'
#
# COMPACT_ATOMS: atom_id res chain seq x y z
N MET A 1 0.88 -25.17 -2.62
CA MET A 1 1.76 -25.88 -3.56
C MET A 1 2.96 -25.00 -3.92
N LYS A 2 4.03 -25.61 -4.40
CA LYS A 2 5.28 -24.89 -4.63
C LYS A 2 5.20 -23.86 -5.76
N ILE A 3 4.57 -24.21 -6.87
CA ILE A 3 4.45 -23.25 -7.98
C ILE A 3 3.10 -22.53 -7.95
N ARG A 4 3.14 -21.21 -7.91
CA ARG A 4 1.93 -20.40 -7.81
C ARG A 4 2.06 -19.14 -8.65
N GLN A 5 1.06 -18.84 -9.47
CA GLN A 5 1.10 -17.58 -10.19
C GLN A 5 0.92 -16.45 -9.20
N ARG A 6 1.63 -15.36 -9.45
CA ARG A 6 1.49 -14.19 -8.60
C ARG A 6 0.17 -13.50 -8.92
N GLN A 7 -0.36 -12.77 -7.96
CA GLN A 7 -1.53 -11.93 -8.26
C GLN A 7 -1.05 -10.51 -8.59
N ARG A 8 -1.90 -9.73 -9.24
CA ARG A 8 -1.47 -8.41 -9.68
C ARG A 8 -2.52 -7.39 -9.31
N PHE A 9 -2.06 -6.24 -8.86
CA PHE A 9 -2.95 -5.13 -8.62
C PHE A 9 -2.31 -3.93 -9.32
N GLY A 10 -2.59 -3.80 -10.63
CA GLY A 10 -1.88 -2.83 -11.43
C GLY A 10 -0.39 -3.11 -11.41
N ARG A 11 0.38 -2.14 -10.95
CA ARG A 11 1.84 -2.27 -10.90
C ARG A 11 2.31 -3.14 -9.74
N LEU A 12 1.45 -3.37 -8.75
CA LEU A 12 1.81 -4.16 -7.58
C LEU A 12 1.75 -5.67 -7.90
N GLU A 13 2.83 -6.40 -7.61
CA GLU A 13 2.81 -7.85 -7.76
C GLU A 13 2.80 -8.45 -6.37
N LEU A 14 1.96 -9.44 -6.11
CA LEU A 14 1.88 -9.95 -4.75
C LEU A 14 1.73 -11.47 -4.69
N LYS A 15 2.24 -12.05 -3.62
CA LYS A 15 2.02 -13.46 -3.32
C LYS A 15 1.71 -13.63 -1.84
N ARG A 16 0.59 -14.26 -1.52
CA ARG A 16 0.20 -14.39 -0.12
C ARG A 16 1.05 -15.44 0.58
N ILE A 17 1.56 -15.11 1.75
CA ILE A 17 2.38 -16.05 2.49
C ILE A 17 1.72 -16.54 3.77
N SER A 18 0.65 -15.88 4.22
CA SER A 18 -0.08 -16.35 5.39
C SER A 18 -1.49 -15.74 5.54
N GLY A 19 -2.34 -16.41 6.29
CA GLY A 19 -3.70 -15.96 6.51
C GLY A 19 -4.69 -16.53 5.51
N ARG A 20 -5.97 -16.20 5.70
CA ARG A 20 -7.02 -16.63 4.78
C ARG A 20 -8.15 -15.60 4.78
N GLY A 21 -8.04 -14.65 3.86
CA GLY A 21 -9.04 -13.61 3.72
C GLY A 21 -10.32 -14.07 3.04
N PHE A 22 -11.42 -13.39 3.35
CA PHE A 22 -12.69 -13.58 2.64
C PHE A 22 -13.20 -12.25 2.13
N LYS A 23 -13.69 -12.23 0.90
CA LYS A 23 -14.15 -11.00 0.26
C LYS A 23 -15.66 -10.84 0.42
N ASN A 24 -16.09 -9.66 0.87
CA ASN A 24 -17.52 -9.32 0.93
C ASN A 24 -17.76 -7.98 0.26
N ASP A 25 -18.75 -7.88 -0.61
CA ASP A 25 -19.05 -6.58 -1.23
C ASP A 25 -19.62 -5.65 -0.16
N GLU A 26 -19.07 -4.46 -0.07
CA GLU A 26 -19.53 -3.44 0.88
C GLU A 26 -19.69 -2.10 0.18
N GLU A 27 -20.56 -1.26 0.72
CA GLU A 27 -20.64 0.14 0.32
C GLU A 27 -19.77 0.99 1.24
N ILE A 28 -18.81 1.68 0.65
CA ILE A 28 -17.86 2.49 1.40
C ILE A 28 -18.08 3.97 1.08
N LEU A 29 -18.35 4.77 2.10
CA LEU A 29 -18.39 6.22 1.97
C LEU A 29 -16.98 6.74 2.03
N ILE A 30 -16.43 7.17 0.89
CA ILE A 30 -15.03 7.62 0.88
C ILE A 30 -14.90 9.13 1.08
N GLY A 31 -13.67 9.63 1.00
CA GLY A 31 -13.36 10.99 1.44
C GLY A 31 -13.97 12.14 0.67
N ASN A 32 -14.41 11.88 -0.56
CA ASN A 32 -15.02 12.94 -1.37
C ASN A 32 -16.54 12.91 -1.26
N GLY A 33 -17.04 12.16 -0.29
CA GLY A 33 -18.47 12.09 -0.04
C GLY A 33 -19.26 11.15 -0.96
N THR A 34 -18.55 10.34 -1.76
CA THR A 34 -19.26 9.41 -2.62
C THR A 34 -19.29 8.01 -2.03
N ILE A 35 -20.26 7.21 -2.45
CA ILE A 35 -20.34 5.81 -2.03
C ILE A 35 -19.77 4.90 -3.10
N GLN A 36 -18.82 4.05 -2.71
CA GLN A 36 -18.19 3.13 -3.65
C GLN A 36 -18.49 1.68 -3.26
N LYS A 37 -18.89 0.87 -4.25
CA LYS A 37 -19.06 -0.57 -4.07
C LYS A 37 -17.71 -1.29 -4.21
N ILE A 38 -17.23 -1.88 -3.13
CA ILE A 38 -15.91 -2.51 -3.14
C ILE A 38 -15.98 -3.87 -2.47
N GLY A 39 -15.28 -4.85 -3.02
CA GLY A 39 -15.12 -6.14 -2.39
C GLY A 39 -14.08 -5.99 -1.30
N ILE A 40 -14.56 -5.89 -0.08
CA ILE A 40 -13.67 -5.70 1.06
C ILE A 40 -13.20 -7.05 1.61
N TRP A 41 -11.88 -7.20 1.75
CA TRP A 41 -11.33 -8.44 2.30
C TRP A 41 -11.24 -8.40 3.82
N ASP A 42 -11.64 -9.50 4.44
CA ASP A 42 -11.66 -9.64 5.90
C ASP A 42 -10.67 -10.74 6.32
N GLY A 43 -9.89 -10.50 7.37
CA GLY A 43 -8.94 -11.49 7.85
C GLY A 43 -7.50 -10.98 7.85
N GLU A 44 -6.71 -11.48 8.79
CA GLU A 44 -5.28 -11.14 8.84
C GLU A 44 -4.52 -11.89 7.75
N GLU A 45 -3.82 -11.16 6.88
CA GLU A 45 -3.05 -11.79 5.81
C GLU A 45 -1.68 -11.15 5.71
N GLU A 46 -0.71 -11.91 5.23
CA GLU A 46 0.61 -11.33 4.94
C GLU A 46 0.96 -11.63 3.51
N PHE A 47 1.59 -10.66 2.84
CA PHE A 47 1.97 -10.83 1.45
C PHE A 47 3.43 -10.49 1.19
N HIS A 48 4.00 -11.22 0.25
CA HIS A 48 5.23 -10.86 -0.41
C HIS A 48 4.86 -9.85 -1.49
N VAL A 49 5.47 -8.68 -1.49
CA VAL A 49 5.05 -7.68 -2.46
C VAL A 49 6.22 -7.06 -3.22
N ARG A 50 5.93 -6.55 -4.41
CA ARG A 50 6.98 -5.97 -5.23
C ARG A 50 6.43 -4.93 -6.18
N CYS A 51 7.16 -3.85 -6.32
CA CYS A 51 6.88 -2.89 -7.37
C CYS A 51 8.22 -2.46 -7.96
N GLY A 52 8.45 -2.81 -9.22
CA GLY A 52 9.74 -2.57 -9.85
C GLY A 52 10.84 -3.26 -9.08
N GLU A 53 11.84 -2.49 -8.68
CA GLU A 53 13.00 -3.03 -7.96
C GLU A 53 12.76 -3.17 -6.46
N CYS A 54 11.65 -2.64 -5.96
CA CYS A 54 11.45 -2.61 -4.52
C CYS A 54 10.60 -3.80 -4.09
N ARG A 55 11.06 -4.50 -3.07
CA ARG A 55 10.39 -5.72 -2.60
C ARG A 55 10.07 -5.58 -1.12
N GLY A 56 9.00 -6.24 -0.66
CA GLY A 56 8.68 -6.11 0.75
C GLY A 56 7.74 -7.16 1.33
N ILE A 57 7.38 -6.95 2.59
CA ILE A 57 6.38 -7.78 3.24
C ILE A 57 5.25 -6.91 3.77
N LEU A 58 4.05 -7.19 3.29
CA LEU A 58 2.86 -6.45 3.66
C LEU A 58 2.03 -7.31 4.61
N LYS A 59 1.72 -6.75 5.77
CA LYS A 59 0.80 -7.38 6.70
C LYS A 59 -0.47 -6.53 6.81
N LYS A 60 -1.63 -7.12 6.53
CA LYS A 60 -2.88 -6.37 6.58
C LYS A 60 -3.97 -7.11 7.35
N SER A 61 -4.99 -6.37 7.78
CA SER A 61 -6.24 -6.99 8.22
C SER A 61 -7.37 -6.24 7.52
N GLN A 62 -8.61 -6.41 7.98
CA GLN A 62 -9.72 -5.79 7.25
C GLN A 62 -9.57 -4.27 7.25
N MET A 63 -9.41 -3.71 6.05
CA MET A 63 -9.30 -2.27 5.86
C MET A 63 -8.23 -1.65 6.75
N ARG A 64 -7.12 -2.38 6.92
CA ARG A 64 -6.04 -1.88 7.77
C ARG A 64 -4.70 -2.39 7.32
N MET A 65 -3.80 -1.48 6.98
CA MET A 65 -2.40 -1.87 6.76
C MET A 65 -1.73 -1.87 8.13
N GLU A 66 -1.34 -3.06 8.57
CA GLU A 66 -0.72 -3.25 9.89
C GLU A 66 0.77 -2.91 9.88
N LYS A 67 1.48 -3.45 8.91
CA LYS A 67 2.91 -3.25 8.83
C LYS A 67 3.39 -3.42 7.41
N LEU A 68 4.29 -2.54 6.99
CA LEU A 68 4.95 -2.70 5.70
C LEU A 68 6.46 -2.60 5.88
N LEU A 69 7.15 -3.71 5.58
CA LEU A 69 8.60 -3.75 5.57
C LEU A 69 9.06 -3.79 4.13
N ILE A 70 9.95 -2.87 3.74
CA ILE A 70 10.48 -2.90 2.39
C ILE A 70 11.99 -2.76 2.38
N ASN A 71 12.60 -3.09 1.25
CA ASN A 71 14.03 -2.90 1.08
C ASN A 71 14.32 -1.51 0.53
N SER A 72 15.57 -1.08 0.67
CA SER A 72 16.02 0.15 0.05
C SER A 72 16.15 -0.09 -1.45
N ALA A 73 15.54 0.77 -2.24
CA ALA A 73 15.64 0.66 -3.70
C ALA A 73 15.55 2.06 -4.29
N LYS A 74 15.43 2.17 -5.60
CA LYS A 74 15.25 3.48 -6.19
C LYS A 74 13.97 4.10 -5.60
N LYS A 75 14.05 5.39 -5.30
CA LYS A 75 13.03 6.06 -4.52
C LYS A 75 11.64 5.99 -5.16
N GLU A 76 11.58 6.06 -6.49
CA GLU A 76 10.27 6.04 -7.14
C GLU A 76 9.57 4.69 -6.93
N ASP A 77 10.35 3.61 -6.94
CA ASP A 77 9.83 2.27 -6.69
C ASP A 77 9.42 2.07 -5.23
N MET A 78 10.23 2.60 -4.31
CA MET A 78 9.89 2.58 -2.89
C MET A 78 8.58 3.30 -2.67
N LYS A 79 8.48 4.51 -3.19
CA LYS A 79 7.28 5.32 -2.99
C LYS A 79 6.04 4.65 -3.60
N ASP A 80 6.17 4.17 -4.84
CA ASP A 80 5.05 3.50 -5.52
C ASP A 80 4.61 2.22 -4.79
N LEU A 81 5.57 1.44 -4.30
CA LEU A 81 5.22 0.25 -3.54
C LEU A 81 4.43 0.60 -2.27
N ILE A 82 4.86 1.64 -1.56
CA ILE A 82 4.17 2.04 -0.34
C ILE A 82 2.74 2.45 -0.68
N ILE A 83 2.58 3.32 -1.68
CA ILE A 83 1.26 3.77 -2.06
C ILE A 83 0.37 2.60 -2.50
N LEU A 84 0.90 1.74 -3.37
CA LEU A 84 0.12 0.59 -3.85
C LEU A 84 -0.32 -0.31 -2.69
N CYS A 85 0.55 -0.49 -1.70
CA CYS A 85 0.19 -1.30 -0.52
C CYS A 85 -0.84 -0.62 0.36
N MET A 86 -0.71 0.70 0.50
CA MET A 86 -1.74 1.44 1.23
C MET A 86 -3.10 1.25 0.55
N VAL A 87 -3.12 1.35 -0.78
CA VAL A 87 -4.38 1.19 -1.52
C VAL A 87 -4.86 -0.26 -1.45
N PHE A 88 -3.95 -1.19 -1.69
CA PHE A 88 -4.28 -2.62 -1.67
C PHE A 88 -4.88 -3.06 -0.33
N SER A 89 -4.37 -2.48 0.75
CA SER A 89 -4.79 -2.86 2.10
CA SER A 89 -4.81 -2.88 2.09
C SER A 89 -6.22 -2.38 2.39
N GLN A 90 -6.75 -1.54 1.50
CA GLN A 90 -8.08 -0.95 1.65
C GLN A 90 -8.19 -0.19 2.98
N ASP A 91 -7.09 0.42 3.40
CA ASP A 91 -7.02 1.12 4.69
C ASP A 91 -8.00 2.30 4.71
N THR A 92 -8.74 2.45 5.80
CA THR A 92 -9.73 3.51 5.94
C THR A 92 -9.08 4.87 5.76
N ARG A 93 -7.82 5.01 6.17
CA ARG A 93 -7.12 6.28 6.02
C ARG A 93 -6.98 6.60 4.54
N MET A 94 -6.75 5.56 3.76
CA MET A 94 -6.59 5.69 2.34
C MET A 94 -7.93 6.15 1.72
N PHE A 95 -9.03 5.50 2.08
CA PHE A 95 -10.34 5.89 1.54
C PHE A 95 -10.66 7.34 1.87
N GLN A 96 -10.29 7.75 3.07
CA GLN A 96 -10.62 9.08 3.56
C GLN A 96 -9.78 10.16 2.89
N GLY A 97 -8.72 9.76 2.21
CA GLY A 97 -7.79 10.71 1.65
C GLY A 97 -8.22 11.28 0.31
N VAL A 98 -9.31 10.77 -0.26
CA VAL A 98 -9.72 11.17 -1.61
C VAL A 98 -10.42 12.53 -1.62
N ARG A 99 -10.06 13.38 -2.60
CA ARG A 99 -10.69 14.69 -2.81
C ARG A 99 -11.06 14.87 -4.27
N GLY A 100 -12.16 15.57 -4.53
CA GLY A 100 -12.65 15.74 -5.89
C GLY A 100 -13.19 14.42 -6.45
N GLU A 101 -13.59 14.42 -7.71
CA GLU A 101 -14.17 13.23 -8.34
C GLU A 101 -13.10 12.22 -8.76
N ILE A 102 -13.31 10.94 -8.45
CA ILE A 102 -12.50 9.87 -9.05
C ILE A 102 -13.28 9.21 -10.19
N ASN A 103 -13.22 9.83 -11.35
CA ASN A 103 -13.96 9.39 -12.53
C ASN A 103 -13.02 9.18 -13.72
N PHE A 104 -11.81 8.69 -13.44
CA PHE A 104 -10.82 8.44 -14.47
C PHE A 104 -11.31 7.40 -15.48
N LEU A 105 -11.03 7.65 -16.75
CA LEU A 105 -11.31 6.68 -17.80
C LEU A 105 -10.06 5.89 -18.19
N ASN A 106 -10.24 4.65 -18.66
CA ASN A 106 -9.14 3.90 -19.26
C ASN A 106 -9.06 4.27 -20.73
N ARG A 107 -8.14 3.65 -21.47
CA ARG A 107 -7.95 4.02 -22.88
C ARG A 107 -9.06 3.47 -23.77
N ALA A 108 -9.97 2.69 -23.19
CA ALA A 108 -11.11 2.18 -23.94
C ALA A 108 -12.35 3.00 -23.60
N GLY A 109 -12.15 4.13 -22.94
CA GLY A 109 -13.24 5.03 -22.60
C GLY A 109 -14.17 4.57 -21.49
N GLN A 110 -13.77 3.57 -20.72
CA GLN A 110 -14.60 3.12 -19.60
C GLN A 110 -14.06 3.65 -18.27
N LEU A 111 -14.95 3.85 -17.30
CA LEU A 111 -14.51 4.18 -15.95
C LEU A 111 -13.72 3.03 -15.35
N LEU A 112 -12.59 3.36 -14.73
CA LEU A 112 -11.90 2.39 -13.90
C LEU A 112 -12.82 1.98 -12.75
N SER A 113 -12.72 0.72 -12.33
CA SER A 113 -13.41 0.25 -11.13
C SER A 113 -12.82 0.94 -9.89
N PRO A 114 -13.58 0.99 -8.77
CA PRO A 114 -13.18 1.82 -7.62
C PRO A 114 -11.75 1.59 -7.10
N MET A 115 -11.31 0.34 -6.97
CA MET A 115 -9.95 0.10 -6.43
C MET A 115 -8.91 0.66 -7.40
N TYR A 116 -9.21 0.62 -8.68
CA TYR A 116 -8.26 1.11 -9.68
C TYR A 116 -8.33 2.63 -9.82
N GLN A 117 -9.50 3.19 -9.55
CA GLN A 117 -9.62 4.65 -9.42
C GLN A 117 -8.69 5.11 -8.32
N LEU A 118 -8.72 4.37 -7.21
CA LEU A 118 -7.96 4.77 -6.02
C LEU A 118 -6.46 4.62 -6.29
N GLN A 119 -6.07 3.51 -6.91
CA GLN A 119 -4.65 3.32 -7.26
C GLN A 119 -4.17 4.48 -8.15
N ARG A 120 -4.96 4.80 -9.17
CA ARG A 120 -4.59 5.85 -10.10
C ARG A 120 -4.50 7.21 -9.42
N TYR A 121 -5.49 7.53 -8.60
CA TYR A 121 -5.53 8.79 -7.87
C TYR A 121 -4.32 8.95 -6.96
N PHE A 122 -4.06 7.97 -6.10
CA PHE A 122 -3.02 8.20 -5.08
C PHE A 122 -1.61 8.06 -5.64
N LEU A 123 -1.42 7.26 -6.69
CA LEU A 123 -0.10 7.18 -7.30
C LEU A 123 0.33 8.58 -7.76
N ASN A 124 -0.63 9.37 -8.22
CA ASN A 124 -0.33 10.71 -8.76
C ASN A 124 -0.66 11.87 -7.80
N ARG A 125 -1.09 11.54 -6.58
CA ARG A 125 -1.36 12.54 -5.57
C ARG A 125 -1.12 11.91 -4.21
N SER A 126 0.14 11.60 -3.95
CA SER A 126 0.50 10.85 -2.75
C SER A 126 0.49 11.69 -1.49
N ASN A 127 0.58 13.01 -1.63
CA ASN A 127 0.62 13.85 -0.42
C ASN A 127 -0.73 13.81 0.29
N ASP A 128 -1.81 13.63 -0.48
CA ASP A 128 -3.15 13.43 0.09
C ASP A 128 -3.17 12.21 1.02
N LEU A 129 -2.59 11.13 0.52
CA LEU A 129 -2.53 9.89 1.26
C LEU A 129 -1.67 10.01 2.53
N PHE A 130 -0.44 10.49 2.35
CA PHE A 130 0.55 10.49 3.43
C PHE A 130 0.14 11.40 4.57
N ASP A 131 -0.48 12.54 4.24
CA ASP A 131 -1.04 13.44 5.25
C ASP A 131 -2.07 12.73 6.13
N GLN A 132 -2.96 11.96 5.51
CA GLN A 132 -3.99 11.23 6.26
C GLN A 132 -3.39 10.03 6.99
N TRP A 133 -2.26 9.53 6.50
CA TRP A 133 -1.70 8.29 7.02
C TRP A 133 -1.17 8.46 8.42
N GLY A 134 -0.48 9.57 8.64
CA GLY A 134 0.07 9.83 9.94
C GLY A 134 1.55 9.50 10.02
N TYR A 135 2.23 10.24 10.89
CA TYR A 135 3.64 10.05 11.14
C TYR A 135 3.84 9.75 12.62
N GLU A 136 4.87 8.96 12.92
CA GLU A 136 5.21 8.61 14.30
C GLU A 136 6.72 8.70 14.47
N GLU A 137 7.20 8.72 15.71
CA GLU A 137 8.65 8.65 15.94
C GLU A 137 9.19 7.34 15.35
N SER A 138 10.30 7.43 14.63
CA SER A 138 10.85 6.26 13.96
C SER A 138 11.18 5.17 14.96
N PRO A 139 11.03 3.90 14.56
CA PRO A 139 11.50 2.84 15.45
C PRO A 139 13.01 2.97 15.61
N LYS A 140 13.48 2.85 16.85
CA LYS A 140 14.91 2.77 17.08
C LYS A 140 15.26 1.30 17.20
N ALA A 141 15.64 0.70 16.08
CA ALA A 141 15.96 -0.71 16.03
C ALA A 141 17.25 -0.90 15.25
N SER A 142 17.83 -2.10 15.38
CA SER A 142 19.13 -2.39 14.81
C SER A 142 19.11 -2.52 13.28
N GLU A 143 18.17 -3.29 12.75
CA GLU A 143 18.22 -3.59 11.33
C GLU A 143 17.10 -2.89 10.54
N LEU A 144 16.37 -2.01 11.21
CA LEU A 144 15.22 -1.33 10.62
C LEU A 144 15.31 0.17 10.80
N HIS A 145 14.78 0.92 9.85
CA HIS A 145 14.63 2.35 10.05
C HIS A 145 13.37 2.88 9.38
N GLY A 146 12.85 3.99 9.90
CA GLY A 146 11.66 4.57 9.33
C GLY A 146 12.00 5.38 8.10
N ILE A 147 10.98 5.74 7.33
CA ILE A 147 11.17 6.66 6.20
C ILE A 147 10.14 7.76 6.22
N ASN A 148 10.52 8.94 5.72
CA ASN A 148 9.56 10.02 5.57
C ASN A 148 9.00 10.05 4.15
N GLU A 149 8.21 11.08 3.84
CA GLU A 149 7.56 11.15 2.55
C GLU A 149 8.55 11.30 1.38
N LEU A 150 9.79 11.67 1.66
CA LEU A 150 10.83 11.77 0.63
C LEU A 150 11.58 10.45 0.48
N MET A 151 11.14 9.44 1.23
CA MET A 151 11.77 8.11 1.21
C MET A 151 13.18 8.12 1.82
N ASN A 152 13.44 9.09 2.69
CA ASN A 152 14.71 9.15 3.41
C ASN A 152 14.54 8.63 4.81
N ALA A 153 15.59 8.00 5.34
CA ALA A 153 15.65 7.69 6.75
C ALA A 153 15.44 8.98 7.54
N SER A 154 14.64 8.93 8.59
CA SER A 154 14.30 10.13 9.32
C SER A 154 13.97 9.84 10.80
N ASP A 155 14.00 10.87 11.63
CA ASP A 155 13.53 10.75 13.01
C ASP A 155 12.04 10.41 13.07
N TYR A 156 11.31 10.73 12.00
CA TYR A 156 9.88 10.45 11.92
C TYR A 156 9.52 9.56 10.72
N THR A 157 8.66 8.57 10.92
CA THR A 157 8.31 7.65 9.84
C THR A 157 6.82 7.67 9.56
N LEU A 158 6.49 7.37 8.30
CA LEU A 158 5.16 7.00 7.94
C LEU A 158 4.77 5.85 8.86
N LYS A 159 3.58 5.94 9.43
CA LYS A 159 3.15 4.98 10.44
C LYS A 159 3.07 3.56 9.85
N GLY A 160 3.72 2.60 10.52
CA GLY A 160 3.64 1.20 10.13
C GLY A 160 4.57 0.76 9.01
N VAL A 161 5.37 1.69 8.48
CA VAL A 161 6.32 1.38 7.41
C VAL A 161 7.75 1.31 7.92
N VAL A 162 8.49 0.30 7.48
CA VAL A 162 9.86 0.09 7.94
C VAL A 162 10.77 -0.31 6.78
N VAL A 163 11.99 0.24 6.75
CA VAL A 163 12.93 -0.08 5.69
C VAL A 163 14.15 -0.83 6.22
N THR A 164 14.63 -1.81 5.45
CA THR A 164 15.87 -2.51 5.76
C THR A 164 17.06 -1.92 4.98
N LYS A 165 18.26 -2.04 5.53
CA LYS A 165 19.47 -1.52 4.86
C LYS A 165 20.18 -2.62 4.06
N ASN A 166 20.91 -2.22 3.02
CA ASN A 166 21.71 -3.17 2.23
C ASN A 166 23.08 -3.44 2.90
N VAL A 167 23.13 -4.45 3.76
CA VAL A 167 24.31 -4.75 4.57
C VAL A 167 25.01 -6.04 4.17
N ASP A 168 26.34 -5.99 4.07
CA ASP A 168 27.16 -7.14 3.68
C ASP A 168 27.41 -8.04 4.90
N HIS A 169 26.39 -8.83 5.25
CA HIS A 169 26.41 -9.65 6.45
C HIS A 169 27.50 -10.73 6.43
N HIS A 170 27.92 -11.15 5.25
CA HIS A 170 28.88 -12.27 5.11
C HIS A 170 30.32 -11.81 4.83
N HIS A 171 30.53 -10.51 4.71
CA HIS A 171 31.86 -9.92 4.52
C HIS A 171 32.55 -10.45 3.27
PG MGT B . -11.33 -10.77 -7.68
O1G MGT B . -10.23 -11.77 -7.93
O2G MGT B . -11.22 -10.08 -6.34
O3G MGT B . -12.72 -11.27 -7.99
O3B MGT B . -11.08 -9.64 -8.80
PB MGT B . -10.98 -8.07 -8.47
O1B MGT B . -11.84 -7.69 -7.29
O2B MGT B . -11.08 -7.34 -9.78
O3A MGT B . -9.46 -8.03 -7.97
PA MGT B . -8.58 -6.69 -7.94
O1A MGT B . -9.33 -5.59 -7.25
O2A MGT B . -7.99 -6.53 -9.33
O5' MGT B . -7.41 -7.18 -6.94
C5' MGT B . -6.18 -7.66 -7.48
C4' MGT B . -5.91 -9.08 -7.01
O4' MGT B . -5.67 -9.10 -5.60
C3' MGT B . -7.10 -10.00 -7.22
O3' MGT B . -6.52 -11.28 -7.39
C2' MGT B . -7.88 -9.97 -5.92
O2' MGT B . -8.50 -11.22 -5.69
C1' MGT B . -6.73 -9.82 -4.94
N9 MGT B . -6.94 -9.15 -3.65
C8 MGT B . -7.24 -7.70 -3.68
N7 MGT B . -7.27 -7.54 -2.23
CM7 MGT B . -7.55 -6.14 -1.76
C5 MGT B . -7.01 -8.65 -1.52
C6 MGT B . -6.93 -8.96 -0.09
O6 MGT B . -7.10 -8.09 0.80
N1 MGT B . -6.65 -10.22 0.22
C2 MGT B . -6.44 -11.19 -0.69
N2 MGT B . -6.16 -12.44 -0.26
N3 MGT B . -6.50 -10.97 -2.03
C4 MGT B . -6.78 -9.74 -2.47
#